data_2RIJ
#
_entry.id   2RIJ
#
_cell.length_a   135.093
_cell.length_b   135.093
_cell.length_c   213.742
_cell.angle_alpha   90.000
_cell.angle_beta   90.000
_cell.angle_gamma   120.000
#
_symmetry.space_group_name_H-M   'H 3 2'
#
loop_
_entity.id
_entity.type
_entity.pdbx_description
1 polymer 'Putative 2,3,4,5-tetrahydropyridine-2-carboxylate N- succinyltransferase'
2 non-polymer 'CHLORIDE ION'
3 non-polymer 'CITRIC ACID'
4 non-polymer GLYCEROL
5 water water
#
_entity_poly.entity_id   1
_entity_poly.type   'polypeptide(L)'
_entity_poly.pdbx_seq_one_letter_code
;G(MSE)INTKEDFLLLIKQIEQKSGYKKPKAFGIARLDRGQLNKNKILQASFALINYEQNFGSAAI(MSE)LEAF(MSE)
QRGVEIDFNASEFVQTLKLEDIDFALSCFKPFLEEDGHQNIDLLKIIKDKFKDDEFSFVCLFEDKEPLSVESIYLKLYLL
STKKVPLRSINLNGAFGLLSNVAWSDDKPIELEYLRANE(MSE)RLK(MSE)SNQYPKIDFVDKFPRFLAHIIPEDNTRI
LESSKVR(MSE)GASLAAGTTI(MSE)PGASYVNFNAGTTGAC(MSE)VEGRISSSAIVGEGSDVGGGASILGVLSGTSG
NAISVGKACLLGANSVTGIPLGDNCIVDAGIAVLEGTKFLLKDAEELAKLNPYFNFDKEIYKGLELKGLNGLHFRQDSIS
GA(MSE)IVALNKKAVKLNEALH
;
_entity_poly.pdbx_strand_id   A
#
loop_
_chem_comp.id
_chem_comp.type
_chem_comp.name
_chem_comp.formula
CIT non-polymer 'CITRIC ACID' 'C6 H8 O7'
CL non-polymer 'CHLORIDE ION' 'Cl -1'
GOL non-polymer GLYCEROL 'C3 H8 O3'
#
# COMPACT_ATOMS: atom_id res chain seq x y z
N GLY A 1 -35.62 9.65 -18.69
CA GLY A 1 -35.27 8.20 -18.82
C GLY A 1 -35.82 7.40 -17.65
N MSE A 2 -36.78 8.00 -16.99
CA MSE A 2 -37.39 7.51 -15.73
C MSE A 2 -36.63 7.94 -14.47
O MSE A 2 -37.29 8.15 -13.46
CB MSE A 2 -37.75 6.01 -15.75
CG MSE A 2 -38.81 5.64 -16.85
SE MSE A 2 -39.96 7.12 -17.59
CE MSE A 2 -41.29 7.28 -16.18
N ILE A 3 -35.29 8.12 -14.54
CA ILE A 3 -34.58 8.88 -13.48
C ILE A 3 -34.38 10.31 -13.95
N ASN A 4 -35.31 11.18 -13.56
CA ASN A 4 -35.31 12.55 -14.03
C ASN A 4 -34.91 13.56 -12.96
N THR A 5 -35.14 13.22 -11.70
CA THR A 5 -34.72 14.10 -10.61
C THR A 5 -33.76 13.40 -9.65
N LYS A 6 -33.08 14.18 -8.83
CA LYS A 6 -32.21 13.58 -7.81
C LYS A 6 -33.01 12.81 -6.76
N GLU A 7 -34.26 13.20 -6.57
CA GLU A 7 -35.17 12.43 -5.77
C GLU A 7 -35.49 11.03 -6.34
N ASP A 8 -35.65 10.96 -7.67
CA ASP A 8 -35.87 9.68 -8.36
C ASP A 8 -34.63 8.82 -8.12
N PHE A 9 -33.48 9.46 -8.25
CA PHE A 9 -32.18 8.80 -8.08
C PHE A 9 -32.04 8.17 -6.69
N LEU A 10 -32.37 8.94 -5.65
CA LEU A 10 -32.35 8.42 -4.30
C LEU A 10 -33.36 7.28 -4.06
N LEU A 11 -34.56 7.35 -4.61
CA LEU A 11 -35.50 6.19 -4.51
C LEU A 11 -34.96 4.95 -5.22
N LEU A 12 -34.29 5.14 -6.35
CA LEU A 12 -33.68 4.02 -7.07
C LEU A 12 -32.64 3.33 -6.15
N ILE A 13 -31.77 4.11 -5.52
CA ILE A 13 -30.74 3.57 -4.62
CA ILE A 13 -30.75 3.54 -4.64
C ILE A 13 -31.41 2.80 -3.48
N LYS A 14 -32.50 3.34 -2.94
CA LYS A 14 -33.25 2.67 -1.87
C LYS A 14 -33.79 1.32 -2.36
N GLN A 15 -34.35 1.30 -3.56
CA GLN A 15 -34.83 0.02 -4.10
C GLN A 15 -33.71 -1.02 -4.30
N ILE A 16 -32.58 -0.58 -4.81
CA ILE A 16 -31.45 -1.47 -5.04
C ILE A 16 -30.97 -2.06 -3.72
N GLU A 17 -30.81 -1.19 -2.72
CA GLU A 17 -30.18 -1.54 -1.47
C GLU A 17 -31.13 -2.41 -0.63
N GLN A 18 -32.42 -2.40 -0.97
CA GLN A 18 -33.39 -3.27 -0.30
CA GLN A 18 -33.36 -3.28 -0.29
C GLN A 18 -33.51 -4.63 -1.01
N LYS A 19 -32.72 -4.85 -2.05
CA LYS A 19 -32.69 -6.17 -2.67
C LYS A 19 -32.12 -7.15 -1.68
N SER A 20 -32.47 -8.42 -1.88
CA SER A 20 -32.24 -9.46 -0.89
C SER A 20 -30.76 -9.74 -0.78
N GLY A 21 -30.26 -9.65 0.45
CA GLY A 21 -28.85 -9.89 0.72
C GLY A 21 -27.91 -8.78 0.28
N TYR A 22 -28.43 -7.69 -0.27
CA TYR A 22 -27.59 -6.57 -0.66
C TYR A 22 -26.67 -6.16 0.50
N LYS A 23 -25.38 -5.93 0.18
CA LYS A 23 -24.40 -5.33 1.08
C LYS A 23 -23.74 -4.15 0.39
N LYS A 24 -23.62 -3.01 1.08
CA LYS A 24 -22.86 -1.89 0.58
C LYS A 24 -21.38 -2.26 0.54
N PRO A 25 -20.72 -2.03 -0.59
CA PRO A 25 -19.28 -2.25 -0.61
C PRO A 25 -18.51 -1.33 0.34
N LYS A 26 -17.47 -1.88 0.94
CA LYS A 26 -16.59 -1.09 1.76
C LYS A 26 -15.55 -0.34 0.92
N ALA A 27 -15.19 -0.91 -0.23
CA ALA A 27 -14.27 -0.27 -1.18
C ALA A 27 -14.69 -0.67 -2.57
N PHE A 28 -14.54 0.25 -3.50
CA PHE A 28 -14.79 -0.03 -4.90
C PHE A 28 -14.14 0.94 -5.88
N GLY A 29 -13.97 0.44 -7.09
CA GLY A 29 -13.62 1.26 -8.21
C GLY A 29 -13.65 0.47 -9.50
N ILE A 30 -13.30 1.17 -10.58
CA ILE A 30 -13.20 0.58 -11.90
C ILE A 30 -11.72 0.60 -12.37
N ALA A 31 -11.23 -0.57 -12.74
CA ALA A 31 -9.89 -0.74 -13.21
C ALA A 31 -9.79 -0.96 -14.72
N ARG A 32 -8.77 -0.39 -15.35
CA ARG A 32 -8.35 -0.78 -16.68
C ARG A 32 -7.37 -1.91 -16.49
N LEU A 33 -7.58 -3.04 -17.17
CA LEU A 33 -6.75 -4.21 -17.01
C LEU A 33 -5.73 -4.40 -18.13
N ASP A 34 -4.54 -4.89 -17.76
CA ASP A 34 -3.55 -5.33 -18.71
C ASP A 34 -3.59 -6.86 -18.67
N ARG A 35 -3.81 -7.48 -19.83
CA ARG A 35 -3.92 -8.95 -19.95
C ARG A 35 -2.68 -9.54 -20.61
N GLY A 36 -2.50 -10.84 -20.46
CA GLY A 36 -1.39 -11.56 -21.06
C GLY A 36 -1.40 -11.47 -22.57
N GLN A 37 -0.22 -11.28 -23.15
CA GLN A 37 -0.01 -11.26 -24.60
C GLN A 37 -0.26 -12.67 -25.19
N LEU A 38 0.03 -13.71 -24.41
CA LEU A 38 -0.24 -15.09 -24.80
C LEU A 38 -1.51 -15.61 -24.13
N ASN A 39 -1.60 -15.42 -22.81
CA ASN A 39 -2.76 -15.86 -22.05
C ASN A 39 -3.66 -14.66 -21.72
N LYS A 40 -4.62 -14.40 -22.59
CA LYS A 40 -5.45 -13.19 -22.49
C LYS A 40 -6.40 -13.21 -21.30
N ASN A 41 -6.57 -14.36 -20.66
CA ASN A 41 -7.33 -14.38 -19.40
C ASN A 41 -6.50 -14.08 -18.15
N LYS A 42 -5.19 -13.98 -18.32
CA LYS A 42 -4.29 -13.68 -17.21
C LYS A 42 -4.30 -12.18 -17.04
N ILE A 43 -4.69 -11.70 -15.86
CA ILE A 43 -4.64 -10.27 -15.54
C ILE A 43 -3.26 -10.00 -14.94
N LEU A 44 -2.46 -9.23 -15.68
CA LEU A 44 -1.12 -8.84 -15.28
C LEU A 44 -1.02 -7.57 -14.45
N GLN A 45 -2.02 -6.69 -14.53
CA GLN A 45 -2.06 -5.45 -13.79
C GLN A 45 -3.45 -4.84 -13.88
N ALA A 46 -3.80 -4.06 -12.87
CA ALA A 46 -5.03 -3.29 -12.84
C ALA A 46 -4.69 -1.85 -12.45
N SER A 47 -5.27 -0.88 -13.14
CA SER A 47 -5.04 0.54 -12.86
C SER A 47 -6.38 1.23 -12.57
N PHE A 48 -6.43 2.02 -11.49
CA PHE A 48 -7.59 2.78 -11.11
C PHE A 48 -7.24 4.25 -11.14
N ALA A 49 -8.20 5.10 -11.53
CA ALA A 49 -8.02 6.53 -11.41
C ALA A 49 -8.82 7.12 -10.26
N LEU A 50 -9.65 6.29 -9.62
CA LEU A 50 -10.51 6.71 -8.50
CA LEU A 50 -10.49 6.72 -8.50
C LEU A 50 -10.74 5.52 -7.60
N ILE A 51 -10.49 5.70 -6.31
CA ILE A 51 -10.72 4.70 -5.29
C ILE A 51 -11.75 5.25 -4.33
N ASN A 52 -12.73 4.42 -4.07
CA ASN A 52 -13.79 4.76 -3.13
C ASN A 52 -13.60 3.87 -1.92
N TYR A 53 -13.51 4.46 -0.74
CA TYR A 53 -13.42 3.70 0.53
C TYR A 53 -14.47 4.21 1.46
N GLU A 54 -15.42 3.37 1.84
CA GLU A 54 -16.48 3.73 2.79
C GLU A 54 -17.17 5.06 2.44
N GLN A 55 -17.56 5.19 1.16
CA GLN A 55 -18.09 6.42 0.62
C GLN A 55 -18.78 6.14 -0.70
N ASN A 56 -19.64 7.07 -1.13
CA ASN A 56 -20.26 7.03 -2.46
C ASN A 56 -20.98 5.73 -2.69
N PHE A 57 -21.76 5.32 -1.69
CA PHE A 57 -22.42 4.01 -1.73
C PHE A 57 -23.51 3.99 -2.81
N GLY A 58 -24.14 5.13 -3.07
CA GLY A 58 -25.12 5.26 -4.16
C GLY A 58 -24.53 4.90 -5.50
N SER A 59 -23.32 5.39 -5.76
CA SER A 59 -22.63 5.10 -7.00
C SER A 59 -22.32 3.62 -7.14
N ALA A 60 -21.91 2.98 -6.05
CA ALA A 60 -21.65 1.53 -6.03
C ALA A 60 -22.95 0.75 -6.31
N ALA A 61 -24.06 1.22 -5.77
CA ALA A 61 -25.38 0.58 -5.94
C ALA A 61 -25.77 0.59 -7.42
N ILE A 62 -25.55 1.72 -8.10
CA ILE A 62 -25.88 1.87 -9.52
C ILE A 62 -25.05 0.88 -10.32
N MSE A 63 -23.77 0.72 -10.01
CA MSE A 63 -22.88 -0.19 -10.73
CA MSE A 63 -22.94 -0.16 -10.81
C MSE A 63 -23.26 -1.65 -10.54
O MSE A 63 -23.32 -2.42 -11.47
CB MSE A 63 -21.43 -0.05 -10.26
CB MSE A 63 -21.45 0.21 -10.66
CG MSE A 63 -20.77 1.26 -10.58
CG MSE A 63 -21.17 1.65 -11.23
SE MSE A 63 -20.94 1.83 -12.44
SE MSE A 63 -19.38 2.46 -11.00
CE MSE A 63 -20.60 0.14 -13.40
CE MSE A 63 -19.94 4.23 -10.38
N LEU A 64 -23.50 -2.01 -9.29
CA LEU A 64 -23.95 -3.37 -8.97
C LEU A 64 -25.27 -3.68 -9.65
N GLU A 65 -26.18 -2.70 -9.64
CA GLU A 65 -27.46 -2.87 -10.33
C GLU A 65 -27.33 -3.01 -11.87
N ALA A 66 -26.33 -2.38 -12.48
CA ALA A 66 -26.11 -2.54 -13.90
C ALA A 66 -25.90 -4.02 -14.25
N PHE A 67 -25.18 -4.72 -13.38
CA PHE A 67 -24.87 -6.11 -13.56
C PHE A 67 -26.08 -6.96 -13.23
N MSE A 68 -26.74 -6.66 -12.12
CA MSE A 68 -27.91 -7.43 -11.73
C MSE A 68 -29.02 -7.33 -12.77
O MSE A 68 -29.70 -8.33 -13.04
CB MSE A 68 -28.41 -7.01 -10.38
CG MSE A 68 -27.46 -7.44 -9.27
SE MSE A 68 -28.18 -7.08 -7.48
CE MSE A 68 -27.81 -5.13 -7.28
N GLN A 69 -29.16 -6.13 -13.33
CA GLN A 69 -30.15 -5.81 -14.35
C GLN A 69 -30.03 -6.73 -15.55
N ARG A 70 -28.81 -7.12 -15.92
CA ARG A 70 -28.62 -8.10 -17.00
C ARG A 70 -28.40 -9.53 -16.54
N GLY A 71 -28.83 -9.87 -15.34
CA GLY A 71 -28.76 -11.26 -14.89
C GLY A 71 -27.48 -11.75 -14.22
N VAL A 72 -26.52 -10.88 -13.95
CA VAL A 72 -25.31 -11.33 -13.25
C VAL A 72 -25.71 -11.62 -11.80
N GLU A 73 -25.37 -12.81 -11.30
CA GLU A 73 -25.72 -13.23 -9.92
C GLU A 73 -24.59 -12.80 -8.99
N ILE A 74 -24.85 -11.82 -8.13
CA ILE A 74 -23.81 -11.31 -7.22
C ILE A 74 -23.97 -12.05 -5.89
N ASP A 75 -22.91 -12.70 -5.44
CA ASP A 75 -22.88 -13.30 -4.09
C ASP A 75 -22.43 -12.27 -3.07
N PHE A 76 -23.39 -11.67 -2.36
CA PHE A 76 -23.09 -10.61 -1.40
C PHE A 76 -22.52 -11.18 -0.10
N ASN A 77 -22.46 -12.50 -0.01
CA ASN A 77 -21.76 -13.15 1.09
C ASN A 77 -20.29 -13.45 0.81
N ALA A 78 -19.82 -13.21 -0.40
CA ALA A 78 -18.41 -13.35 -0.73
C ALA A 78 -17.72 -12.08 -0.25
N SER A 79 -16.39 -12.11 -0.11
CA SER A 79 -15.65 -10.95 0.40
C SER A 79 -15.48 -9.86 -0.66
N GLU A 80 -15.67 -10.23 -1.92
CA GLU A 80 -15.38 -9.32 -3.00
C GLU A 80 -16.22 -9.68 -4.21
N PHE A 81 -16.30 -8.74 -5.14
CA PHE A 81 -16.99 -8.94 -6.41
C PHE A 81 -16.22 -8.21 -7.50
N VAL A 82 -15.90 -8.96 -8.57
CA VAL A 82 -15.18 -8.47 -9.72
C VAL A 82 -15.94 -8.84 -10.98
N GLN A 83 -16.14 -7.89 -11.89
CA GLN A 83 -16.85 -8.19 -13.12
C GLN A 83 -16.44 -7.26 -14.23
N THR A 84 -16.22 -7.82 -15.41
CA THR A 84 -15.91 -7.04 -16.63
C THR A 84 -17.10 -6.21 -17.00
N LEU A 85 -16.84 -4.95 -17.34
CA LEU A 85 -17.87 -4.02 -17.80
C LEU A 85 -18.09 -4.17 -19.32
N LYS A 86 -19.37 -4.21 -19.69
CA LYS A 86 -19.85 -4.08 -21.06
C LYS A 86 -20.32 -2.64 -21.28
N LEU A 87 -20.42 -2.24 -22.54
CA LEU A 87 -20.92 -0.88 -22.86
C LEU A 87 -22.29 -0.66 -22.24
N GLU A 88 -23.14 -1.67 -22.29
CA GLU A 88 -24.50 -1.57 -21.77
C GLU A 88 -24.53 -1.20 -20.29
N ASP A 89 -23.52 -1.68 -19.55
CA ASP A 89 -23.38 -1.40 -18.12
C ASP A 89 -23.09 0.07 -17.90
N ILE A 90 -22.22 0.61 -18.75
CA ILE A 90 -21.83 2.02 -18.66
CA ILE A 90 -21.82 2.02 -18.67
C ILE A 90 -23.02 2.90 -19.02
N ASP A 91 -23.73 2.53 -20.11
CA ASP A 91 -24.91 3.29 -20.54
C ASP A 91 -26.05 3.24 -19.50
N PHE A 92 -26.24 2.07 -18.89
CA PHE A 92 -27.22 1.93 -17.85
C PHE A 92 -26.87 2.87 -16.70
N ALA A 93 -25.61 2.85 -16.25
CA ALA A 93 -25.18 3.66 -15.10
C ALA A 93 -25.38 5.16 -15.42
N LEU A 94 -24.93 5.59 -16.60
CA LEU A 94 -25.06 6.99 -17.02
C LEU A 94 -26.49 7.46 -17.14
N SER A 95 -27.39 6.55 -17.48
CA SER A 95 -28.80 6.91 -17.52
C SER A 95 -29.38 7.09 -16.09
N CYS A 96 -28.97 6.24 -15.14
CA CYS A 96 -29.38 6.41 -13.73
C CYS A 96 -28.83 7.72 -13.17
N PHE A 97 -27.68 8.15 -13.68
CA PHE A 97 -27.09 9.41 -13.24
C PHE A 97 -27.57 10.65 -14.00
N LYS A 98 -28.56 10.48 -14.86
CA LYS A 98 -29.09 11.58 -15.66
C LYS A 98 -29.24 12.92 -14.92
N PRO A 99 -29.85 12.93 -13.70
CA PRO A 99 -30.00 14.22 -13.00
C PRO A 99 -28.70 15.00 -12.72
N PHE A 100 -27.54 14.33 -12.81
CA PHE A 100 -26.25 14.95 -12.46
C PHE A 100 -25.38 15.29 -13.66
N LEU A 101 -25.79 14.90 -14.86
CA LEU A 101 -24.85 14.90 -15.99
C LEU A 101 -24.36 16.29 -16.42
N GLU A 102 -25.12 17.34 -16.12
CA GLU A 102 -24.72 18.68 -16.52
C GLU A 102 -24.02 19.43 -15.39
N GLU A 103 -23.71 18.71 -14.31
CA GLU A 103 -23.03 19.28 -13.16
C GLU A 103 -21.58 18.86 -13.08
N ASP A 104 -20.79 19.68 -12.41
CA ASP A 104 -19.36 19.40 -12.27
C ASP A 104 -19.05 18.73 -10.96
N GLY A 105 -17.92 18.03 -10.93
CA GLY A 105 -17.38 17.50 -9.70
C GLY A 105 -17.88 16.17 -9.17
N HIS A 106 -18.58 15.41 -10.01
CA HIS A 106 -19.05 14.10 -9.62
C HIS A 106 -18.07 13.12 -10.26
N GLN A 107 -17.11 12.67 -9.48
CA GLN A 107 -15.94 12.04 -10.05
C GLN A 107 -16.21 10.66 -10.63
N ASN A 108 -17.05 9.88 -9.97
CA ASN A 108 -17.43 8.57 -10.44
C ASN A 108 -18.22 8.71 -11.73
N ILE A 109 -19.02 9.76 -11.83
CA ILE A 109 -19.84 9.97 -13.03
C ILE A 109 -18.91 10.40 -14.16
N ASP A 110 -18.01 11.34 -13.90
CA ASP A 110 -17.02 11.74 -14.92
C ASP A 110 -16.22 10.55 -15.46
N LEU A 111 -15.86 9.63 -14.57
CA LEU A 111 -15.08 8.47 -14.96
C LEU A 111 -15.86 7.62 -15.97
N LEU A 112 -17.16 7.39 -15.68
CA LEU A 112 -18.02 6.64 -16.61
C LEU A 112 -18.13 7.31 -18.00
N LYS A 113 -18.24 8.63 -18.03
CA LYS A 113 -18.26 9.33 -19.31
C LYS A 113 -16.98 9.02 -20.08
N ILE A 114 -15.86 9.01 -19.36
CA ILE A 114 -14.55 8.74 -19.99
C ILE A 114 -14.44 7.31 -20.48
N ILE A 115 -14.88 6.35 -19.67
CA ILE A 115 -14.82 4.96 -20.03
C ILE A 115 -15.73 4.69 -21.25
N LYS A 116 -16.91 5.30 -21.28
CA LYS A 116 -17.82 5.15 -22.44
C LYS A 116 -17.12 5.63 -23.69
N ASP A 117 -16.59 6.83 -23.62
CA ASP A 117 -15.80 7.38 -24.72
C ASP A 117 -14.59 6.53 -25.15
N LYS A 118 -13.92 5.85 -24.23
CA LYS A 118 -12.77 5.04 -24.58
C LYS A 118 -13.04 3.54 -24.47
N PHE A 119 -14.32 3.14 -24.58
CA PHE A 119 -14.71 1.77 -24.27
C PHE A 119 -14.02 0.80 -25.19
N LYS A 120 -13.59 -0.31 -24.62
CA LYS A 120 -13.17 -1.47 -25.37
C LYS A 120 -13.65 -2.65 -24.60
N ASP A 121 -13.91 -3.73 -25.30
CA ASP A 121 -14.35 -4.95 -24.64
C ASP A 121 -13.24 -5.54 -23.80
N ASP A 122 -13.62 -6.10 -22.66
CA ASP A 122 -12.73 -6.77 -21.70
C ASP A 122 -11.58 -5.91 -21.14
N GLU A 123 -11.70 -4.61 -21.24
CA GLU A 123 -10.64 -3.67 -20.89
C GLU A 123 -10.85 -3.14 -19.47
N PHE A 124 -12.12 -3.01 -19.08
CA PHE A 124 -12.50 -2.39 -17.82
C PHE A 124 -13.31 -3.35 -16.96
N SER A 125 -13.06 -3.28 -15.66
CA SER A 125 -13.72 -4.17 -14.70
CA SER A 125 -13.67 -4.18 -14.70
C SER A 125 -14.08 -3.43 -13.43
N PHE A 126 -15.29 -3.67 -12.96
CA PHE A 126 -15.71 -3.20 -11.66
C PHE A 126 -15.16 -4.13 -10.58
N VAL A 127 -14.62 -3.54 -9.54
CA VAL A 127 -13.93 -4.27 -8.48
C VAL A 127 -14.46 -3.70 -7.18
N CYS A 128 -14.99 -4.56 -6.32
CA CYS A 128 -15.41 -4.13 -5.01
C CYS A 128 -15.12 -5.13 -3.90
N LEU A 129 -14.91 -4.59 -2.71
CA LEU A 129 -14.73 -5.38 -1.50
C LEU A 129 -15.96 -5.22 -0.63
N PHE A 130 -16.54 -6.35 -0.21
CA PHE A 130 -17.63 -6.36 0.83
C PHE A 130 -17.13 -6.52 2.25
N GLU A 131 -15.97 -7.14 2.41
CA GLU A 131 -15.30 -7.25 3.70
CA GLU A 131 -15.32 -7.29 3.71
C GLU A 131 -13.80 -7.31 3.47
N ASP A 132 -13.04 -7.26 4.56
CA ASP A 132 -11.57 -7.29 4.52
C ASP A 132 -11.06 -8.69 4.79
N LYS A 133 -10.91 -9.47 3.74
CA LYS A 133 -10.41 -10.82 3.87
C LYS A 133 -9.33 -10.97 2.83
N GLU A 134 -8.78 -12.17 2.74
CA GLU A 134 -7.76 -12.45 1.78
C GLU A 134 -8.28 -12.18 0.38
N PRO A 135 -7.46 -11.56 -0.46
CA PRO A 135 -7.85 -11.32 -1.83
C PRO A 135 -8.03 -12.62 -2.59
N LEU A 136 -9.03 -12.65 -3.48
CA LEU A 136 -9.25 -13.81 -4.30
C LEU A 136 -8.89 -13.60 -5.76
N SER A 137 -8.47 -12.39 -6.08
CA SER A 137 -8.22 -12.05 -7.49
C SER A 137 -7.10 -11.07 -7.59
N VAL A 138 -6.48 -11.02 -8.77
CA VAL A 138 -5.52 -9.98 -9.11
C VAL A 138 -6.17 -8.60 -8.93
N GLU A 139 -7.39 -8.47 -9.41
CA GLU A 139 -8.11 -7.21 -9.33
C GLU A 139 -8.26 -6.71 -7.87
N SER A 140 -8.67 -7.61 -6.97
CA SER A 140 -8.85 -7.21 -5.58
C SER A 140 -7.51 -6.96 -4.87
N ILE A 141 -6.45 -7.69 -5.24
CA ILE A 141 -5.12 -7.37 -4.73
C ILE A 141 -4.77 -5.93 -5.10
N TYR A 142 -5.00 -5.56 -6.34
CA TYR A 142 -4.68 -4.19 -6.79
C TYR A 142 -5.53 -3.13 -6.09
N LEU A 143 -6.82 -3.42 -5.86
CA LEU A 143 -7.64 -2.48 -5.09
C LEU A 143 -7.08 -2.27 -3.65
N LYS A 144 -6.70 -3.37 -3.00
CA LYS A 144 -6.07 -3.34 -1.68
C LYS A 144 -4.75 -2.52 -1.70
N LEU A 145 -3.90 -2.74 -2.69
CA LEU A 145 -2.65 -1.98 -2.77
C LEU A 145 -2.92 -0.50 -2.92
N TYR A 146 -3.89 -0.15 -3.77
CA TYR A 146 -4.35 1.22 -3.91
C TYR A 146 -4.90 1.79 -2.65
N LEU A 147 -5.65 1.02 -1.88
CA LEU A 147 -6.19 1.52 -0.60
C LEU A 147 -5.07 1.97 0.34
N LEU A 148 -3.98 1.19 0.34
CA LEU A 148 -2.75 1.51 1.12
C LEU A 148 -2.02 2.72 0.54
N SER A 149 -1.67 2.69 -0.74
CA SER A 149 -0.83 3.75 -1.34
C SER A 149 -1.50 5.14 -1.47
N THR A 150 -2.84 5.15 -1.58
CA THR A 150 -3.64 6.37 -1.58
C THR A 150 -3.94 6.83 -0.15
N LYS A 151 -3.57 6.02 0.86
CA LYS A 151 -3.75 6.29 2.25
C LYS A 151 -5.24 6.37 2.64
N LYS A 152 -6.11 5.66 1.92
CA LYS A 152 -7.54 5.57 2.33
C LYS A 152 -7.68 4.72 3.60
N VAL A 153 -6.75 3.77 3.77
CA VAL A 153 -6.66 2.93 4.96
C VAL A 153 -5.23 2.99 5.52
N PRO A 154 -5.09 2.81 6.84
CA PRO A 154 -3.73 2.79 7.44
C PRO A 154 -2.92 1.57 7.11
N LEU A 155 -1.60 1.77 7.15
CA LEU A 155 -0.63 0.67 7.01
C LEU A 155 -1.00 -0.46 7.97
N ARG A 156 -0.84 -1.68 7.49
CA ARG A 156 -1.15 -2.94 8.21
C ARG A 156 -2.62 -3.26 8.48
N SER A 157 -3.52 -2.39 8.07
CA SER A 157 -4.90 -2.47 8.49
C SER A 157 -5.74 -3.38 7.59
N ILE A 158 -5.19 -3.85 6.46
CA ILE A 158 -5.98 -4.70 5.56
C ILE A 158 -5.27 -5.99 5.17
N ASN A 159 -6.08 -6.97 4.79
CA ASN A 159 -5.59 -8.34 4.56
C ASN A 159 -5.03 -8.49 3.16
N LEU A 160 -3.75 -8.79 3.07
CA LEU A 160 -3.04 -8.99 1.83
C LEU A 160 -2.55 -10.43 1.66
N ASN A 161 -3.03 -11.33 2.50
CA ASN A 161 -2.46 -12.67 2.51
C ASN A 161 -2.77 -13.40 1.25
N GLY A 162 -1.78 -14.10 0.72
CA GLY A 162 -1.95 -14.83 -0.53
C GLY A 162 -1.66 -14.07 -1.79
N ALA A 163 -1.33 -12.79 -1.65
CA ALA A 163 -1.15 -11.92 -2.82
C ALA A 163 -0.06 -12.48 -3.72
N PHE A 164 1.04 -12.90 -3.17
CA PHE A 164 2.13 -13.41 -3.97
CA PHE A 164 2.15 -13.42 -3.95
C PHE A 164 1.73 -14.61 -4.81
N GLY A 165 0.85 -15.46 -4.27
CA GLY A 165 0.46 -16.62 -5.05
C GLY A 165 -0.47 -16.32 -6.21
N LEU A 166 -1.21 -15.23 -6.13
CA LEU A 166 -2.15 -14.86 -7.17
C LEU A 166 -1.52 -14.05 -8.33
N LEU A 167 -0.49 -13.26 -8.00
CA LEU A 167 0.15 -12.38 -8.98
C LEU A 167 1.12 -13.19 -9.86
N SER A 168 1.18 -12.86 -11.16
CA SER A 168 2.14 -13.45 -12.09
C SER A 168 3.44 -12.66 -12.10
N ASN A 169 4.55 -13.38 -12.06
CA ASN A 169 5.87 -12.80 -12.29
C ASN A 169 5.98 -12.48 -13.77
N VAL A 170 6.20 -11.21 -14.06
CA VAL A 170 6.23 -10.72 -15.45
C VAL A 170 7.40 -9.77 -15.62
N ALA A 171 7.75 -9.55 -16.87
CA ALA A 171 8.68 -8.49 -17.29
C ALA A 171 7.90 -7.19 -17.37
N TRP A 172 8.60 -6.07 -17.14
CA TRP A 172 7.98 -4.76 -17.12
C TRP A 172 8.83 -3.88 -17.97
N SER A 173 8.19 -3.28 -18.97
CA SER A 173 8.86 -2.43 -19.97
C SER A 173 8.12 -1.11 -20.01
N ASP A 174 8.77 -0.05 -19.56
CA ASP A 174 8.12 1.25 -19.41
C ASP A 174 6.76 1.15 -18.70
N ASP A 175 6.84 0.42 -17.60
CA ASP A 175 5.77 0.12 -16.68
C ASP A 175 4.63 -0.71 -17.28
N LYS A 176 4.84 -1.34 -18.42
CA LYS A 176 3.87 -2.25 -19.04
C LYS A 176 4.30 -3.70 -18.84
N PRO A 177 3.41 -4.56 -18.32
CA PRO A 177 3.75 -5.95 -18.10
C PRO A 177 3.76 -6.79 -19.39
N ILE A 178 4.73 -7.68 -19.49
CA ILE A 178 4.87 -8.62 -20.59
C ILE A 178 5.15 -9.99 -20.01
N GLU A 179 4.37 -10.98 -20.41
CA GLU A 179 4.59 -12.36 -20.02
C GLU A 179 5.96 -12.82 -20.45
N LEU A 180 6.70 -13.46 -19.54
CA LEU A 180 8.03 -13.96 -19.84
C LEU A 180 7.97 -14.96 -21.02
N GLU A 181 6.92 -15.78 -21.08
CA GLU A 181 6.83 -16.79 -22.12
CA GLU A 181 6.82 -16.79 -22.13
C GLU A 181 6.64 -16.13 -23.49
N TYR A 182 6.04 -14.95 -23.50
CA TYR A 182 5.92 -14.18 -24.73
C TYR A 182 7.32 -13.71 -25.24
N LEU A 183 8.17 -13.27 -24.32
CA LEU A 183 9.51 -12.88 -24.67
C LEU A 183 10.31 -14.07 -25.16
N ARG A 184 10.16 -15.22 -24.52
CA ARG A 184 10.87 -16.42 -24.95
C ARG A 184 10.41 -16.81 -26.34
N ALA A 185 9.09 -16.87 -26.55
CA ALA A 185 8.51 -17.26 -27.85
C ALA A 185 8.91 -16.32 -29.01
N ASN A 186 9.16 -15.07 -28.71
CA ASN A 186 9.46 -14.06 -29.71
C ASN A 186 10.88 -13.53 -29.71
N GLU A 187 11.75 -14.13 -28.89
CA GLU A 187 13.08 -13.62 -28.71
C GLU A 187 13.88 -13.53 -30.02
N MSE A 188 13.88 -14.60 -30.81
CA MSE A 188 14.68 -14.59 -32.05
C MSE A 188 14.23 -13.49 -32.98
O MSE A 188 15.02 -12.69 -33.44
CB MSE A 188 14.54 -15.91 -32.79
CG MSE A 188 15.14 -17.04 -32.09
SE MSE A 188 15.13 -18.59 -33.23
CE MSE A 188 15.97 -19.78 -31.98
N ARG A 189 12.91 -13.44 -33.20
CA ARG A 189 12.31 -12.46 -34.08
C ARG A 189 12.60 -11.05 -33.57
N LEU A 190 12.39 -10.80 -32.28
CA LEU A 190 12.55 -9.47 -31.72
C LEU A 190 14.03 -9.01 -31.70
N LYS A 191 14.93 -9.87 -31.26
CA LYS A 191 16.33 -9.46 -31.25
C LYS A 191 16.91 -9.30 -32.65
N MSE A 192 16.57 -10.17 -33.57
CA MSE A 192 17.20 -10.12 -34.92
C MSE A 192 16.65 -8.94 -35.72
O MSE A 192 17.37 -8.37 -36.53
CB MSE A 192 16.98 -11.42 -35.69
CG MSE A 192 17.73 -12.58 -35.09
SE MSE A 192 19.71 -12.32 -34.88
CE MSE A 192 19.86 -11.88 -32.96
N SER A 193 15.39 -8.61 -35.46
CA SER A 193 14.72 -7.47 -36.09
C SER A 193 15.00 -6.19 -35.34
N ASN A 194 15.78 -6.26 -34.27
CA ASN A 194 16.10 -5.14 -33.41
C ASN A 194 14.86 -4.44 -32.81
N GLN A 195 13.96 -5.22 -32.25
CA GLN A 195 12.74 -4.74 -31.65
CA GLN A 195 12.78 -4.67 -31.61
C GLN A 195 12.58 -5.35 -30.24
N TYR A 196 13.69 -5.75 -29.61
CA TYR A 196 13.58 -6.38 -28.27
C TYR A 196 13.16 -5.30 -27.27
N PRO A 197 12.08 -5.54 -26.51
CA PRO A 197 11.64 -4.45 -25.63
C PRO A 197 12.59 -4.21 -24.48
N LYS A 198 12.68 -2.96 -24.01
CA LYS A 198 13.53 -2.63 -22.89
C LYS A 198 12.84 -3.07 -21.60
N ILE A 199 13.48 -4.01 -20.92
CA ILE A 199 12.92 -4.59 -19.70
C ILE A 199 13.55 -3.91 -18.50
N ASP A 200 12.73 -3.17 -17.76
CA ASP A 200 13.22 -2.47 -16.58
C ASP A 200 13.35 -3.34 -15.33
N PHE A 201 12.46 -4.33 -15.18
CA PHE A 201 12.45 -5.24 -14.06
C PHE A 201 11.55 -6.45 -14.32
N VAL A 202 11.75 -7.48 -13.53
CA VAL A 202 10.94 -8.73 -13.58
C VAL A 202 10.49 -9.02 -12.15
N ASP A 203 9.16 -8.96 -11.96
CA ASP A 203 8.59 -9.12 -10.64
C ASP A 203 7.08 -9.28 -10.73
N LYS A 204 6.51 -9.61 -9.61
CA LYS A 204 5.05 -9.73 -9.44
C LYS A 204 4.33 -8.42 -9.10
N PHE A 205 5.06 -7.43 -8.61
CA PHE A 205 4.49 -6.14 -8.19
C PHE A 205 5.02 -5.02 -9.09
N PRO A 206 4.19 -4.00 -9.36
CA PRO A 206 4.61 -2.76 -10.00
C PRO A 206 5.14 -1.74 -9.00
N ARG A 207 5.61 -0.62 -9.50
CA ARG A 207 6.12 0.44 -8.69
C ARG A 207 4.98 1.41 -8.37
N PHE A 208 5.13 2.06 -7.23
CA PHE A 208 4.23 3.13 -6.74
C PHE A 208 3.96 4.21 -7.76
N LEU A 209 5.00 4.73 -8.43
CA LEU A 209 4.81 5.85 -9.34
C LEU A 209 4.12 5.45 -10.65
N ALA A 210 3.93 4.14 -10.90
CA ALA A 210 3.15 3.73 -12.05
C ALA A 210 1.66 3.99 -11.74
N HIS A 211 1.33 4.27 -10.48
CA HIS A 211 -0.08 4.32 -10.02
C HIS A 211 -0.51 5.55 -9.20
N ILE A 212 0.41 6.14 -8.44
CA ILE A 212 0.06 7.13 -7.42
C ILE A 212 0.81 8.42 -7.73
N ILE A 213 0.13 9.54 -7.54
CA ILE A 213 0.67 10.86 -7.72
C ILE A 213 0.98 11.40 -6.34
N PRO A 214 2.25 11.62 -6.03
CA PRO A 214 2.58 12.17 -4.70
C PRO A 214 1.97 13.56 -4.48
N GLU A 215 1.88 13.94 -3.22
CA GLU A 215 1.51 15.31 -2.81
C GLU A 215 2.60 16.23 -3.30
N ASP A 216 2.30 17.51 -3.37
CA ASP A 216 3.29 18.46 -3.89
C ASP A 216 4.57 18.57 -3.08
N ASN A 217 4.50 18.22 -1.80
CA ASN A 217 5.68 18.20 -0.92
C ASN A 217 6.28 16.81 -0.64
N THR A 218 5.93 15.83 -1.46
CA THR A 218 6.46 14.47 -1.36
C THR A 218 7.34 14.22 -2.54
N ARG A 219 8.52 13.71 -2.25
CA ARG A 219 9.51 13.42 -3.31
C ARG A 219 9.98 11.99 -3.28
N ILE A 220 10.12 11.38 -4.46
CA ILE A 220 10.63 10.03 -4.60
C ILE A 220 11.65 10.14 -5.70
N LEU A 221 12.92 10.06 -5.33
CA LEU A 221 14.00 10.41 -6.31
C LEU A 221 14.36 9.28 -7.26
N GLU A 222 13.72 8.13 -7.11
CA GLU A 222 13.88 7.02 -8.03
C GLU A 222 12.75 6.03 -7.81
N SER A 223 11.98 5.80 -8.87
CA SER A 223 10.81 4.95 -8.82
C SER A 223 11.08 3.52 -8.33
N SER A 224 12.18 2.88 -8.72
CA SER A 224 12.44 1.50 -8.29
C SER A 224 12.54 1.34 -6.75
N LYS A 225 12.66 2.46 -6.02
CA LYS A 225 12.83 2.43 -4.57
C LYS A 225 11.52 2.45 -3.76
N VAL A 226 10.40 2.61 -4.43
CA VAL A 226 9.07 2.57 -3.78
C VAL A 226 8.15 1.60 -4.51
N ARG A 227 7.91 0.47 -3.86
CA ARG A 227 7.00 -0.51 -4.40
C ARG A 227 5.54 -0.07 -4.27
N MSE A 228 4.72 -0.47 -5.24
CA MSE A 228 3.26 -0.31 -5.09
C MSE A 228 2.76 -0.99 -3.80
O MSE A 228 3.20 -2.07 -3.44
CB MSE A 228 2.56 -0.83 -6.35
CG MSE A 228 1.04 -0.61 -6.38
SE MSE A 228 0.58 1.25 -6.09
CE MSE A 228 -1.37 1.00 -6.31
N GLY A 229 1.84 -0.32 -3.09
CA GLY A 229 1.45 -0.70 -1.76
C GLY A 229 2.16 0.03 -0.60
N ALA A 230 3.26 0.75 -0.89
CA ALA A 230 3.91 1.61 0.07
C ALA A 230 2.96 2.78 0.41
N SER A 231 3.12 3.30 1.62
CA SER A 231 2.34 4.43 2.11
C SER A 231 3.27 5.52 2.63
N LEU A 232 3.33 6.62 1.90
CA LEU A 232 4.19 7.75 2.25
C LEU A 232 3.36 8.96 2.68
N ALA A 233 3.49 9.37 3.94
CA ALA A 233 2.82 10.57 4.44
C ALA A 233 3.34 11.77 3.70
N ALA A 234 2.46 12.75 3.50
CA ALA A 234 2.78 14.01 2.82
C ALA A 234 4.05 14.63 3.43
N GLY A 235 4.96 15.04 2.57
CA GLY A 235 6.17 15.65 3.03
C GLY A 235 7.33 14.68 3.11
N THR A 236 7.10 13.37 2.90
CA THR A 236 8.23 12.42 2.90
C THR A 236 9.15 12.60 1.69
N THR A 237 10.46 12.36 1.88
CA THR A 237 11.48 12.30 0.83
C THR A 237 12.13 10.92 0.83
N ILE A 238 12.09 10.27 -0.31
CA ILE A 238 12.87 9.03 -0.53
C ILE A 238 14.06 9.35 -1.43
N MSE A 239 15.23 9.23 -0.85
CA MSE A 239 16.50 9.49 -1.58
C MSE A 239 16.84 8.21 -2.31
O MSE A 239 16.35 7.15 -1.92
CB MSE A 239 17.64 9.88 -0.65
CG MSE A 239 17.41 11.19 0.08
SE MSE A 239 17.19 12.73 -1.06
CE MSE A 239 19.04 12.89 -1.89
N PRO A 240 17.64 8.29 -3.40
CA PRO A 240 17.86 7.09 -4.23
C PRO A 240 19.03 6.17 -3.94
N GLY A 241 20.01 6.59 -3.15
CA GLY A 241 21.24 5.85 -2.97
C GLY A 241 21.08 4.39 -2.52
N ALA A 242 20.45 4.18 -1.39
CA ALA A 242 20.41 2.86 -0.78
C ALA A 242 19.11 2.61 -0.03
N SER A 243 18.07 3.33 -0.43
CA SER A 243 16.76 3.29 0.20
CA SER A 243 16.77 3.28 0.21
C SER A 243 15.86 2.23 -0.38
N TYR A 244 14.77 1.98 0.34
CA TYR A 244 13.70 1.19 -0.19
C TYR A 244 12.48 1.37 0.71
N VAL A 245 11.30 1.41 0.10
CA VAL A 245 10.01 1.24 0.82
C VAL A 245 9.22 0.13 0.13
N ASN A 246 9.04 -0.95 0.86
CA ASN A 246 8.32 -2.10 0.36
C ASN A 246 6.79 -1.90 0.52
N PHE A 247 6.03 -2.85 -0.01
CA PHE A 247 4.58 -2.75 0.14
C PHE A 247 4.19 -2.95 1.59
N ASN A 248 3.06 -2.34 1.96
CA ASN A 248 2.55 -2.32 3.35
C ASN A 248 3.65 -1.82 4.34
N ALA A 249 4.41 -0.82 3.90
CA ALA A 249 5.43 -0.15 4.69
C ALA A 249 5.39 1.32 4.37
N GLY A 250 5.90 2.13 5.28
CA GLY A 250 6.13 3.53 5.01
C GLY A 250 6.18 4.42 6.23
N THR A 251 5.64 5.62 6.06
CA THR A 251 5.82 6.72 6.97
C THR A 251 4.44 7.24 7.36
N THR A 252 4.31 7.66 8.58
CA THR A 252 3.05 8.27 9.03
C THR A 252 3.15 9.77 9.27
N GLY A 253 4.28 10.36 8.95
CA GLY A 253 4.41 11.81 8.90
C GLY A 253 5.57 12.09 8.01
N ALA A 254 5.85 13.35 7.79
CA ALA A 254 6.99 13.71 6.92
C ALA A 254 8.30 13.21 7.52
N CYS A 255 9.05 12.40 6.75
CA CYS A 255 10.34 11.83 7.13
C CYS A 255 11.31 11.94 5.97
N MSE A 256 12.57 12.05 6.31
CA MSE A 256 13.68 11.90 5.35
C MSE A 256 14.11 10.43 5.34
O MSE A 256 14.54 9.92 6.35
CB MSE A 256 14.84 12.75 5.79
CG MSE A 256 16.11 12.53 4.96
SE MSE A 256 15.82 12.92 3.03
CE MSE A 256 15.16 14.76 3.23
N VAL A 257 13.97 9.76 4.20
CA VAL A 257 14.26 8.35 4.11
C VAL A 257 15.43 8.11 3.09
N GLU A 258 16.51 7.61 3.63
CA GLU A 258 17.71 7.27 2.90
C GLU A 258 18.14 5.82 3.13
N GLY A 259 17.27 5.07 3.75
CA GLY A 259 17.48 3.64 4.04
C GLY A 259 16.26 2.82 3.73
N ARG A 260 16.24 1.58 4.23
CA ARG A 260 15.37 0.54 3.75
C ARG A 260 14.29 0.20 4.77
N ILE A 261 13.06 0.39 4.36
CA ILE A 261 11.90 0.09 5.19
C ILE A 261 11.23 -1.18 4.67
N SER A 262 11.37 -2.25 5.43
CA SER A 262 10.77 -3.56 5.08
C SER A 262 9.26 -3.58 5.25
N SER A 263 8.61 -4.52 4.57
CA SER A 263 7.17 -4.68 4.69
CA SER A 263 7.19 -4.69 4.68
C SER A 263 6.78 -4.84 6.14
N SER A 264 5.67 -4.18 6.51
CA SER A 264 5.11 -4.11 7.84
C SER A 264 5.74 -3.06 8.74
N ALA A 265 6.84 -2.46 8.32
CA ALA A 265 7.53 -1.43 9.15
C ALA A 265 6.89 -0.08 8.90
N ILE A 266 6.71 0.68 9.98
CA ILE A 266 6.13 2.01 9.98
C ILE A 266 7.07 2.95 10.71
N VAL A 267 7.32 4.09 10.08
CA VAL A 267 8.21 5.14 10.59
C VAL A 267 7.38 6.40 10.88
N GLY A 268 7.52 6.93 12.09
CA GLY A 268 6.68 8.03 12.56
C GLY A 268 7.23 9.38 12.14
N GLU A 269 6.35 10.38 12.24
CA GLU A 269 6.64 11.76 11.83
C GLU A 269 7.93 12.34 12.36
N GLY A 270 8.69 12.99 11.47
CA GLY A 270 9.88 13.69 11.83
C GLY A 270 11.10 12.81 11.96
N SER A 271 10.98 11.52 11.65
CA SER A 271 12.11 10.62 11.79
C SER A 271 13.04 10.77 10.60
N ASP A 272 14.28 10.35 10.78
CA ASP A 272 15.31 10.45 9.74
C ASP A 272 15.99 9.08 9.63
N VAL A 273 15.78 8.42 8.51
CA VAL A 273 16.33 7.09 8.23
C VAL A 273 17.60 7.37 7.42
N GLY A 274 18.74 7.17 8.05
CA GLY A 274 20.03 7.55 7.47
C GLY A 274 20.44 6.65 6.30
N GLY A 275 21.47 7.11 5.59
CA GLY A 275 21.90 6.50 4.34
C GLY A 275 22.30 5.06 4.60
N GLY A 276 21.66 4.12 3.90
CA GLY A 276 21.98 2.71 4.04
C GLY A 276 21.52 2.03 5.33
N ALA A 277 20.77 2.74 6.16
CA ALA A 277 20.18 2.13 7.33
C ALA A 277 19.14 1.10 6.90
N SER A 278 18.94 0.11 7.75
CA SER A 278 17.94 -0.95 7.57
CA SER A 278 17.93 -0.89 7.54
C SER A 278 16.95 -0.84 8.70
N ILE A 279 15.66 -0.86 8.38
CA ILE A 279 14.60 -1.10 9.34
C ILE A 279 13.92 -2.43 8.96
N LEU A 280 14.03 -3.43 9.83
CA LEU A 280 13.42 -4.73 9.56
C LEU A 280 11.91 -4.63 9.80
N GLY A 281 11.13 -5.60 9.33
CA GLY A 281 9.67 -5.41 9.37
C GLY A 281 8.88 -6.12 10.41
N VAL A 282 9.24 -7.37 10.63
CA VAL A 282 8.48 -8.26 11.49
C VAL A 282 9.45 -8.92 12.47
N LEU A 283 9.10 -8.88 13.76
CA LEU A 283 9.86 -9.52 14.79
C LEU A 283 9.83 -11.04 14.61
N SER A 284 10.88 -11.72 15.06
CA SER A 284 11.00 -13.18 14.88
C SER A 284 9.95 -13.92 15.69
N GLY A 285 9.70 -15.17 15.31
CA GLY A 285 8.72 -16.00 16.00
C GLY A 285 7.34 -16.05 15.37
N THR A 286 6.48 -16.87 15.96
CA THR A 286 5.18 -17.18 15.38
C THR A 286 4.17 -16.04 15.61
N SER A 287 4.15 -15.48 16.82
CA SER A 287 3.35 -14.28 17.10
C SER A 287 4.22 -13.02 16.98
N GLY A 288 5.31 -13.13 16.20
CA GLY A 288 6.23 -12.03 15.93
C GLY A 288 5.50 -10.85 15.28
N ASN A 289 5.45 -9.76 16.02
CA ASN A 289 4.73 -8.57 15.64
C ASN A 289 5.53 -7.65 14.71
N ALA A 290 4.85 -6.67 14.13
CA ALA A 290 5.44 -5.76 13.16
C ALA A 290 6.32 -4.73 13.88
N ILE A 291 7.37 -4.25 13.23
CA ILE A 291 8.24 -3.20 13.79
C ILE A 291 7.75 -1.79 13.42
N SER A 292 7.62 -0.93 14.43
CA SER A 292 7.28 0.48 14.27
C SER A 292 8.38 1.33 14.90
N VAL A 293 8.77 2.42 14.24
CA VAL A 293 9.67 3.40 14.80
C VAL A 293 8.82 4.64 15.05
N GLY A 294 8.96 5.25 16.20
CA GLY A 294 8.08 6.35 16.58
C GLY A 294 8.48 7.68 15.95
N LYS A 295 7.97 8.75 16.53
CA LYS A 295 8.21 10.10 16.05
C LYS A 295 9.59 10.64 16.37
N ALA A 296 10.14 11.40 15.43
CA ALA A 296 11.40 12.08 15.66
C ALA A 296 12.54 11.10 16.06
N CYS A 297 12.57 9.92 15.49
CA CYS A 297 13.69 9.02 15.70
C CYS A 297 14.78 9.32 14.67
N LEU A 298 16.02 9.12 15.07
CA LEU A 298 17.18 9.35 14.22
CA LEU A 298 17.18 9.34 14.20
C LEU A 298 17.94 8.04 14.07
N LEU A 299 17.90 7.44 12.88
CA LEU A 299 18.58 6.17 12.61
C LEU A 299 19.84 6.49 11.77
N GLY A 300 20.99 6.21 12.34
CA GLY A 300 22.23 6.54 11.70
C GLY A 300 22.51 5.76 10.42
N ALA A 301 23.33 6.35 9.61
CA ALA A 301 23.84 5.74 8.39
C ALA A 301 24.39 4.35 8.72
N ASN A 302 24.06 3.39 7.86
CA ASN A 302 24.47 2.00 7.99
C ASN A 302 24.12 1.30 9.31
N SER A 303 23.10 1.81 10.04
CA SER A 303 22.56 1.14 11.22
C SER A 303 21.60 0.08 10.82
N VAL A 304 21.21 -0.74 11.80
CA VAL A 304 20.14 -1.73 11.62
C VAL A 304 19.24 -1.66 12.82
N THR A 305 17.97 -1.47 12.56
CA THR A 305 16.97 -1.44 13.58
C THR A 305 16.05 -2.68 13.45
N GLY A 306 16.23 -3.62 14.37
CA GLY A 306 15.46 -4.87 14.42
C GLY A 306 14.43 -4.99 15.52
N ILE A 307 14.14 -3.88 16.18
CA ILE A 307 13.08 -3.83 17.19
C ILE A 307 12.21 -2.58 17.03
N PRO A 308 10.97 -2.63 17.50
CA PRO A 308 10.16 -1.44 17.62
C PRO A 308 10.84 -0.41 18.52
N LEU A 309 10.79 0.87 18.12
CA LEU A 309 11.30 1.96 18.91
C LEU A 309 10.15 2.92 19.21
N GLY A 310 10.12 3.50 20.40
CA GLY A 310 9.18 4.55 20.72
C GLY A 310 9.62 5.88 20.11
N ASP A 311 9.15 6.96 20.68
CA ASP A 311 9.47 8.27 20.17
C ASP A 311 10.82 8.77 20.65
N ASN A 312 11.42 9.64 19.86
CA ASN A 312 12.68 10.26 20.21
C ASN A 312 13.84 9.33 20.51
N CYS A 313 13.92 8.22 19.79
CA CYS A 313 15.03 7.31 19.94
C CYS A 313 16.12 7.61 18.92
N ILE A 314 17.35 7.29 19.28
CA ILE A 314 18.51 7.48 18.41
C ILE A 314 19.26 6.17 18.32
N VAL A 315 19.56 5.77 17.09
CA VAL A 315 20.47 4.64 16.83
C VAL A 315 21.66 5.25 16.11
N ASP A 316 22.81 5.15 16.75
CA ASP A 316 24.03 5.75 16.13
C ASP A 316 24.40 5.04 14.80
N ALA A 317 25.06 5.79 13.92
CA ALA A 317 25.54 5.23 12.69
C ALA A 317 26.34 3.96 12.98
N GLY A 318 26.08 2.91 12.18
CA GLY A 318 26.87 1.68 12.26
C GLY A 318 26.36 0.69 13.31
N ILE A 319 25.41 1.07 14.12
CA ILE A 319 24.98 0.21 15.22
C ILE A 319 23.89 -0.71 14.72
N ALA A 320 23.99 -1.98 15.08
CA ALA A 320 22.90 -2.92 14.89
C ALA A 320 22.17 -3.22 16.17
N VAL A 321 20.87 -2.88 16.19
CA VAL A 321 20.00 -3.08 17.33
C VAL A 321 19.05 -4.23 16.99
N LEU A 322 19.46 -5.42 17.36
CA LEU A 322 18.72 -6.63 17.04
C LEU A 322 18.05 -7.16 18.30
N GLU A 323 17.10 -8.05 18.09
CA GLU A 323 16.28 -8.58 19.18
C GLU A 323 17.12 -9.22 20.28
N GLY A 324 18.21 -9.87 19.87
CA GLY A 324 19.08 -10.55 20.80
C GLY A 324 20.33 -9.85 21.22
N THR A 325 20.62 -8.71 20.62
CA THR A 325 21.72 -7.89 21.11
C THR A 325 21.51 -7.50 22.56
N LYS A 326 22.58 -7.62 23.36
CA LYS A 326 22.54 -7.15 24.74
C LYS A 326 23.13 -5.76 24.85
N PHE A 327 22.50 -4.95 25.69
CA PHE A 327 22.88 -3.56 25.95
C PHE A 327 23.01 -3.31 27.42
N LEU A 328 24.02 -2.49 27.77
CA LEU A 328 24.24 -2.03 29.12
CA LEU A 328 24.23 -2.05 29.13
C LEU A 328 23.46 -0.75 29.28
N LEU A 329 22.57 -0.72 30.26
CA LEU A 329 21.71 0.43 30.50
CA LEU A 329 21.69 0.41 30.52
C LEU A 329 22.44 1.54 31.24
N LYS A 330 22.30 2.77 30.75
CA LYS A 330 22.76 3.96 31.45
C LYS A 330 21.59 4.90 31.58
N ASP A 331 21.69 5.85 32.50
CA ASP A 331 20.65 6.88 32.67
C ASP A 331 19.31 6.31 33.08
N ALA A 332 19.32 5.31 33.95
CA ALA A 332 18.06 4.59 34.32
C ALA A 332 17.00 5.50 34.92
N GLU A 333 17.40 6.44 35.76
CA GLU A 333 16.41 7.30 36.43
C GLU A 333 15.67 8.21 35.46
N GLU A 334 16.39 8.77 34.49
CA GLU A 334 15.78 9.63 33.50
C GLU A 334 14.94 8.82 32.51
N LEU A 335 15.43 7.64 32.14
CA LEU A 335 14.67 6.76 31.25
C LEU A 335 13.36 6.29 31.94
N ALA A 336 13.42 5.97 33.23
CA ALA A 336 12.19 5.68 34.03
C ALA A 336 11.13 6.77 33.90
N LYS A 337 11.55 8.02 33.91
CA LYS A 337 10.61 9.12 33.78
C LYS A 337 9.89 9.13 32.45
N LEU A 338 10.61 8.82 31.37
CA LEU A 338 10.02 8.79 30.05
C LEU A 338 9.20 7.48 29.85
N ASN A 339 9.45 6.49 30.70
CA ASN A 339 8.94 5.12 30.52
C ASN A 339 8.52 4.54 31.89
N PRO A 340 7.45 5.11 32.47
CA PRO A 340 7.04 4.85 33.82
C PRO A 340 6.62 3.43 34.14
N TYR A 341 6.16 2.65 33.15
CA TYR A 341 5.79 1.28 33.46
C TYR A 341 6.93 0.29 33.35
N PHE A 342 8.02 0.70 32.70
CA PHE A 342 9.11 -0.23 32.51
C PHE A 342 9.95 -0.40 33.78
N ASN A 343 10.40 -1.63 33.99
CA ASN A 343 11.19 -1.96 35.15
C ASN A 343 12.68 -1.93 34.81
N PHE A 344 13.35 -0.86 35.22
CA PHE A 344 14.78 -0.63 34.94
C PHE A 344 15.67 -1.17 36.08
N ASP A 345 15.24 -2.30 36.62
CA ASP A 345 15.90 -2.97 37.74
C ASP A 345 17.28 -3.52 37.39
N LYS A 346 17.52 -3.90 36.15
CA LYS A 346 18.75 -4.60 35.91
C LYS A 346 19.66 -3.81 35.02
N GLU A 347 20.78 -4.41 34.70
CA GLU A 347 21.82 -3.65 34.01
C GLU A 347 21.96 -4.01 32.57
N ILE A 348 21.65 -5.25 32.22
CA ILE A 348 21.77 -5.71 30.84
C ILE A 348 20.41 -6.08 30.30
N TYR A 349 20.08 -5.54 29.14
CA TYR A 349 18.82 -5.86 28.46
C TYR A 349 19.06 -6.28 27.03
N LYS A 350 18.27 -7.27 26.60
CA LYS A 350 18.24 -7.64 25.20
C LYS A 350 17.42 -6.60 24.43
N GLY A 351 17.82 -6.34 23.20
CA GLY A 351 17.00 -5.50 22.30
C GLY A 351 15.50 -5.71 22.43
N LEU A 352 15.04 -6.96 22.35
CA LEU A 352 13.63 -7.23 22.40
C LEU A 352 12.94 -6.78 23.66
N GLU A 353 13.66 -6.79 24.79
CA GLU A 353 13.08 -6.31 26.01
C GLU A 353 12.83 -4.84 25.99
N LEU A 354 13.58 -4.10 25.18
CA LEU A 354 13.51 -2.64 25.18
C LEU A 354 12.54 -2.10 24.14
N LYS A 355 11.79 -2.98 23.50
CA LYS A 355 11.00 -2.57 22.38
C LYS A 355 9.95 -1.53 22.77
N GLY A 356 9.79 -0.56 21.91
CA GLY A 356 8.73 0.42 22.05
C GLY A 356 9.04 1.54 23.04
N LEU A 357 10.15 1.48 23.78
CA LEU A 357 10.43 2.53 24.78
C LEU A 357 10.80 3.87 24.15
N ASN A 358 10.53 4.96 24.86
CA ASN A 358 10.85 6.31 24.37
C ASN A 358 12.18 6.83 24.87
N GLY A 359 12.81 7.69 24.08
CA GLY A 359 14.01 8.38 24.52
C GLY A 359 15.30 7.58 24.62
N LEU A 360 15.33 6.41 23.96
CA LEU A 360 16.50 5.55 23.98
C LEU A 360 17.58 6.05 23.02
N HIS A 361 18.80 5.87 23.45
CA HIS A 361 19.96 6.17 22.63
C HIS A 361 20.85 4.96 22.62
N PHE A 362 20.89 4.29 21.47
CA PHE A 362 21.72 3.12 21.28
C PHE A 362 23.07 3.56 20.67
N ARG A 363 24.11 3.20 21.37
CA ARG A 363 25.49 3.62 21.00
C ARG A 363 26.48 2.57 21.44
N GLN A 364 27.69 2.64 20.90
CA GLN A 364 28.78 1.81 21.34
C GLN A 364 29.78 2.60 22.17
N ASP A 365 30.24 2.03 23.28
CA ASP A 365 31.31 2.64 24.05
C ASP A 365 32.60 2.40 23.29
N SER A 366 33.22 3.45 22.78
CA SER A 366 34.34 3.21 21.89
C SER A 366 35.64 2.83 22.59
N ILE A 367 35.73 3.02 23.91
CA ILE A 367 36.89 2.56 24.69
C ILE A 367 36.76 1.10 25.13
N SER A 368 35.60 0.73 25.69
CA SER A 368 35.40 -0.63 26.20
C SER A 368 34.84 -1.57 25.18
N GLY A 369 34.27 -1.01 24.11
CA GLY A 369 33.58 -1.80 23.12
C GLY A 369 32.17 -2.25 23.48
N ALA A 370 31.65 -1.90 24.66
CA ALA A 370 30.30 -2.32 25.14
C ALA A 370 29.17 -1.65 24.33
N MSE A 371 28.12 -2.42 24.05
CA MSE A 371 26.90 -1.85 23.53
C MSE A 371 26.11 -1.22 24.67
O MSE A 371 25.86 -1.86 25.72
CB MSE A 371 26.07 -2.90 22.80
CG MSE A 371 26.75 -3.50 21.60
SE MSE A 371 27.04 -2.16 20.23
CE MSE A 371 25.31 -1.93 19.52
N ILE A 372 25.73 0.03 24.48
CA ILE A 372 25.00 0.79 25.51
CA ILE A 372 25.02 0.84 25.49
C ILE A 372 23.59 1.19 25.05
N VAL A 373 22.64 1.15 25.97
CA VAL A 373 21.38 1.85 25.79
C VAL A 373 21.33 2.96 26.87
N ALA A 374 21.17 4.20 26.44
CA ALA A 374 21.26 5.38 27.31
C ALA A 374 20.12 6.36 27.02
N LEU A 375 20.13 7.53 27.66
CA LEU A 375 19.14 8.55 27.40
C LEU A 375 19.51 9.37 26.18
N ASN A 376 18.55 9.57 25.29
CA ASN A 376 18.66 10.61 24.29
C ASN A 376 18.49 11.94 25.04
N LYS A 377 19.56 12.68 25.19
CA LYS A 377 19.50 13.92 25.99
C LYS A 377 18.39 14.85 25.51
N LYS A 378 18.22 14.99 24.19
CA LYS A 378 17.08 15.79 23.65
C LYS A 378 15.65 15.30 24.05
N ALA A 379 15.49 14.03 24.44
CA ALA A 379 14.16 13.46 24.72
C ALA A 379 13.53 13.91 26.07
N VAL A 380 14.39 14.25 27.04
CA VAL A 380 13.91 14.83 28.31
C VAL A 380 13.25 16.18 28.03
N LYS A 381 13.95 17.04 27.29
CA LYS A 381 13.39 18.29 26.78
C LYS A 381 12.58 18.07 25.49
CL CL B . 23.90 0.21 1.80
CL CL C . 21.68 -7.38 34.71
C1 CIT D . -21.66 10.85 -3.35
O1 CIT D . -20.79 11.64 -2.86
O2 CIT D . -22.41 10.30 -2.50
C2 CIT D . -21.76 10.50 -4.86
C3 CIT D . -21.91 11.61 -5.93
O7 CIT D . -23.27 12.16 -5.78
C4 CIT D . -21.75 11.05 -7.37
C5 CIT D . -20.36 10.44 -7.59
O3 CIT D . -19.61 10.84 -8.51
O4 CIT D . -19.91 9.54 -6.87
C6 CIT D . -20.80 12.69 -5.83
O5 CIT D . -20.79 13.77 -6.47
O6 CIT D . -19.80 12.46 -5.11
C1 GOL E . 4.86 -16.81 -14.90
O1 GOL E . 6.02 -16.11 -14.49
C2 GOL E . 3.72 -16.49 -13.94
O2 GOL E . 2.46 -16.90 -14.46
C3 GOL E . 3.98 -17.11 -12.58
O3 GOL E . 4.31 -16.12 -11.63
#